data_3KYL
#
_entry.id   3KYL
#
_cell.length_a   77.231
_cell.length_b   52.782
_cell.length_c   101.609
_cell.angle_alpha   90.00
_cell.angle_beta   101.90
_cell.angle_gamma   90.00
#
_symmetry.space_group_name_H-M   'P 1 21 1'
#
loop_
_entity.id
_entity.type
_entity.pdbx_description
1 polymer 'Telomerase reverse transcriptase'
2 polymer "DNA/RNA (5'-R(*CP*UP*GP*AP*CP*CP*UP*GP*AP*C)-D(P*TP*TP*CP*GP*GP*TP*CP*AP*GP*GP*TP*CP*AP*G)-3')"
3 non-polymer 'MAGNESIUM ION'
4 water water
#
loop_
_entity_poly.entity_id
_entity_poly.type
_entity_poly.pdbx_seq_one_letter_code
_entity_poly.pdbx_strand_id
1 'polypeptide(L)'
;MVHYYRLSLKSRQKAPKIVNSKYNSILNIALKNFRLCKKHKTKKPVQILALLQEIIPKSYFGTTTNLKRFYKVVEKILTQ
SSFECIHLSVLHKCYDYDAIPWLQNVEPNLRPKLLLKHNLFLLDNIVKPIIAFYYKPIKTLNGHEIKFIRKEEYISFESK
VFHKLKKMKYLVEVQDEVKPRGVLNIIPKQDNFRAIVSIFPDSARKPFFKLLTSKIYKVLEEKYKTSGSLYTCWSEFTQK
TQGQIYGIKVDIRDAYGNVKIPVLCKLIQSIPTHLLDSEKKNFIVDHISNQFVAFRRKIYKWNHGLLQGDPLSGCLCELY
MAFMDRLYFSNLDKDAFIHRTVDDYFFCSPHPHKVYDFELLIKGVYQVNPTKTRTNLPTHRHPQDEIPYCGKIFNLTTRQ
VRTLYKLPPNYEIRHKFKLWNFNNQISDDNPARFLQKAMDFPFICNSFTKFEFNTVFNDQRTVFANFYDAMICVAYKFDA
AMMALRTSFLVNDFGFIWLVLSSTVRAYASRAFKKIVTYKGGKYRKVTFQCLKSIAWRAFLAVLKRRTEIYKGLIDRIKS
REKLTMKFHDGEVDASYFCKLPEKFRFVKINRKASI
;
A
2 'polydeoxyribonucleotide/polyribonucleotide hybrid' CUGACCUGAC(DT)(DT)(DC)(DG)(DG)(DT)(DC)(DA)(DG)(DG)(DT)(DC)(DA)(DG) E
#
loop_
_chem_comp.id
_chem_comp.type
_chem_comp.name
_chem_comp.formula
A RNA linking ADENOSINE-5'-MONOPHOSPHATE 'C10 H14 N5 O7 P'
C RNA linking CYTIDINE-5'-MONOPHOSPHATE 'C9 H14 N3 O8 P'
DA DNA linking 2'-DEOXYADENOSINE-5'-MONOPHOSPHATE 'C10 H14 N5 O6 P'
DC DNA linking 2'-DEOXYCYTIDINE-5'-MONOPHOSPHATE 'C9 H14 N3 O7 P'
DG DNA linking 2'-DEOXYGUANOSINE-5'-MONOPHOSPHATE 'C10 H14 N5 O7 P'
DT DNA linking THYMIDINE-5'-MONOPHOSPHATE 'C10 H15 N2 O8 P'
G RNA linking GUANOSINE-5'-MONOPHOSPHATE 'C10 H14 N5 O8 P'
MG non-polymer 'MAGNESIUM ION' 'Mg 2'
U RNA linking URIDINE-5'-MONOPHOSPHATE 'C9 H13 N2 O9 P'
#
# COMPACT_ATOMS: atom_id res chain seq x y z
N MET A 1 6.99 11.63 26.39
CA MET A 1 5.90 10.79 25.79
C MET A 1 6.28 10.26 24.41
N VAL A 2 7.34 10.83 23.82
CA VAL A 2 7.87 10.35 22.54
C VAL A 2 8.63 9.04 22.77
N HIS A 3 7.98 7.92 22.42
CA HIS A 3 8.57 6.59 22.59
C HIS A 3 9.16 6.05 21.28
N TYR A 4 8.82 6.71 20.17
CA TYR A 4 9.14 6.17 18.84
C TYR A 4 10.32 6.86 18.19
N TYR A 5 11.08 6.09 17.42
CA TYR A 5 12.09 6.62 16.51
C TYR A 5 11.80 6.11 15.10
N ARG A 6 11.63 7.03 14.17
CA ARG A 6 11.34 6.67 12.78
C ARG A 6 12.57 6.15 12.04
N LEU A 7 12.39 5.07 11.30
CA LEU A 7 13.46 4.51 10.48
C LEU A 7 13.59 5.28 9.17
N SER A 8 12.69 6.23 8.95
CA SER A 8 12.66 7.01 7.71
C SER A 8 13.90 7.87 7.51
N LEU A 9 14.24 8.11 6.26
CA LEU A 9 15.43 8.91 5.90
C LEU A 9 15.11 10.40 5.78
N LYS A 10 14.07 10.86 6.46
CA LYS A 10 13.75 12.28 6.58
C LYS A 10 14.03 12.78 7.99
N SER A 11 14.41 11.86 8.87
CA SER A 11 14.83 12.19 10.23
C SER A 11 16.30 12.61 10.27
N ARG A 12 16.98 12.46 9.14
CA ARG A 12 18.41 12.74 9.03
C ARG A 12 18.74 14.23 9.17
N GLN A 13 19.66 14.52 10.08
CA GLN A 13 20.18 15.87 10.26
C GLN A 13 21.59 15.98 9.68
N LYS A 14 21.96 17.18 9.23
CA LYS A 14 23.27 17.41 8.65
C LYS A 14 24.38 17.34 9.70
N ALA A 15 25.43 16.58 9.39
CA ALA A 15 26.55 16.40 10.31
C ALA A 15 27.49 17.60 10.28
N PRO A 16 27.87 18.10 11.47
CA PRO A 16 28.86 19.18 11.58
C PRO A 16 30.27 18.72 11.23
N LYS A 17 31.16 19.67 10.94
CA LYS A 17 32.55 19.36 10.57
C LYS A 17 33.32 18.72 11.73
N ILE A 18 33.16 19.29 12.92
CA ILE A 18 33.72 18.72 14.14
C ILE A 18 32.55 18.31 15.04
N VAL A 19 32.66 18.62 16.33
CA VAL A 19 31.62 18.32 17.30
C VAL A 19 31.63 19.33 18.45
N ASN A 20 30.44 19.73 18.89
CA ASN A 20 30.32 20.69 19.98
C ASN A 20 30.69 20.11 21.36
N SER A 21 30.47 20.90 22.41
CA SER A 21 31.01 20.62 23.74
C SER A 21 30.53 19.33 24.41
N LYS A 22 29.29 18.94 24.12
CA LYS A 22 28.63 17.83 24.83
C LYS A 22 29.16 16.46 24.42
N TYR A 23 29.08 16.16 23.12
CA TYR A 23 29.40 14.83 22.60
C TYR A 23 30.85 14.41 22.82
N ASN A 24 31.03 13.18 23.27
CA ASN A 24 32.35 12.56 23.37
C ASN A 24 32.98 12.49 21.99
N SER A 25 34.07 13.24 21.82
CA SER A 25 34.71 13.42 20.51
C SER A 25 35.40 12.15 19.98
N ILE A 26 35.00 11.00 20.51
CA ILE A 26 35.43 9.70 19.98
C ILE A 26 34.72 9.40 18.66
N LEU A 27 33.47 9.88 18.53
CA LEU A 27 32.69 9.73 17.30
C LEU A 27 33.14 10.69 16.20
N ASN A 28 33.92 11.71 16.59
CA ASN A 28 34.43 12.72 15.66
C ASN A 28 35.37 12.12 14.62
N ILE A 29 36.08 11.06 15.01
CA ILE A 29 36.94 10.32 14.10
C ILE A 29 36.10 9.65 13.01
N ALA A 30 35.00 9.01 13.42
CA ALA A 30 34.06 8.41 12.49
C ALA A 30 33.37 9.48 11.63
N LEU A 31 33.15 10.65 12.22
CA LEU A 31 32.54 11.78 11.52
C LEU A 31 33.47 12.29 10.41
N LYS A 32 34.78 12.30 10.69
CA LYS A 32 35.78 12.66 9.69
C LYS A 32 35.91 11.55 8.64
N ASN A 33 35.68 10.31 9.05
CA ASN A 33 35.66 9.18 8.13
C ASN A 33 34.46 9.18 7.21
N PHE A 34 33.43 9.95 7.58
CA PHE A 34 32.25 10.14 6.73
C PHE A 34 32.62 10.93 5.46
N ARG A 35 33.44 11.97 5.62
CA ARG A 35 33.89 12.79 4.49
C ARG A 35 35.00 12.10 3.69
N LEU A 36 35.73 11.20 4.35
CA LEU A 36 36.76 10.40 3.68
C LEU A 36 36.16 9.36 2.75
N CYS A 37 35.07 8.72 3.19
CA CYS A 37 34.35 7.73 2.40
C CYS A 37 33.51 8.41 1.31
N LYS A 38 32.94 9.56 1.66
CA LYS A 38 32.17 10.39 0.73
C LYS A 38 33.06 10.90 -0.42
N LYS A 39 34.38 10.74 -0.25
CA LYS A 39 35.36 11.17 -1.24
C LYS A 39 35.60 10.12 -2.34
N HIS A 40 34.59 9.31 -2.64
CA HIS A 40 34.44 8.65 -3.97
C HIS A 40 35.26 7.40 -4.31
N LYS A 41 34.86 6.24 -3.80
CA LYS A 41 35.65 5.00 -3.96
C LYS A 41 35.89 4.47 -5.41
N THR A 42 34.87 3.98 -6.14
CA THR A 42 33.57 3.52 -5.64
C THR A 42 33.24 2.25 -6.42
N LYS A 43 32.84 1.18 -5.71
CA LYS A 43 32.56 -0.09 -6.37
C LYS A 43 31.19 -0.68 -6.00
N LYS A 44 30.75 -1.68 -6.77
CA LYS A 44 29.47 -2.36 -6.54
C LYS A 44 29.68 -3.75 -5.96
N PRO A 45 28.96 -4.09 -4.87
CA PRO A 45 28.02 -3.22 -4.19
C PRO A 45 28.63 -2.43 -3.02
N VAL A 46 29.63 -3.02 -2.36
CA VAL A 46 30.13 -2.56 -1.06
C VAL A 46 28.96 -2.36 -0.08
N GLN A 47 28.58 -3.45 0.57
CA GLN A 47 27.40 -3.50 1.44
C GLN A 47 27.40 -2.41 2.50
N ILE A 48 26.21 -1.91 2.82
CA ILE A 48 26.04 -0.85 3.81
C ILE A 48 26.36 -1.35 5.22
N LEU A 49 26.15 -2.65 5.45
CA LEU A 49 26.51 -3.28 6.71
C LEU A 49 28.02 -3.52 6.82
N ALA A 50 28.73 -3.29 5.71
CA ALA A 50 30.18 -3.46 5.67
C ALA A 50 30.94 -2.12 5.72
N LEU A 51 30.36 -1.09 5.09
CA LEU A 51 30.92 0.26 5.10
C LEU A 51 30.93 0.87 6.50
N LEU A 52 29.87 0.63 7.25
CA LEU A 52 29.65 1.27 8.54
C LEU A 52 30.56 0.70 9.64
N GLN A 53 30.87 -0.59 9.56
CA GLN A 53 31.74 -1.25 10.53
C GLN A 53 33.20 -0.81 10.40
N GLU A 54 33.52 -0.16 9.28
CA GLU A 54 34.87 0.35 9.03
C GLU A 54 34.94 1.86 9.31
N ILE A 55 33.89 2.59 8.95
CA ILE A 55 33.80 4.03 9.19
C ILE A 55 33.63 4.34 10.68
N ILE A 56 32.69 3.66 11.33
CA ILE A 56 32.58 3.69 12.78
C ILE A 56 33.55 2.67 13.36
N PRO A 57 34.52 3.13 14.17
CA PRO A 57 35.51 2.23 14.77
C PRO A 57 34.87 1.23 15.73
N LYS A 58 35.42 0.01 15.76
CA LYS A 58 34.91 -1.06 16.61
C LYS A 58 35.08 -0.72 18.09
N SER A 59 35.97 0.23 18.38
CA SER A 59 36.24 0.69 19.75
C SER A 59 35.13 1.57 20.33
N TYR A 60 34.20 1.99 19.47
CA TYR A 60 33.02 2.73 19.92
C TYR A 60 32.10 1.82 20.72
N PHE A 61 31.79 0.66 20.16
CA PHE A 61 30.87 -0.29 20.78
C PHE A 61 31.54 -1.07 21.91
N GLY A 62 32.86 -1.20 21.81
CA GLY A 62 33.61 -2.01 22.76
C GLY A 62 33.72 -3.44 22.28
N THR A 63 32.89 -4.32 22.86
CA THR A 63 32.89 -5.74 22.49
C THR A 63 32.16 -5.99 21.16
N THR A 64 32.36 -7.19 20.61
CA THR A 64 31.60 -7.64 19.45
C THR A 64 30.35 -8.38 19.92
N THR A 65 29.67 -7.80 20.91
CA THR A 65 28.38 -8.29 21.38
C THR A 65 27.39 -7.13 21.34
N ASN A 66 27.85 -5.95 21.76
CA ASN A 66 27.09 -4.72 21.66
C ASN A 66 26.90 -4.31 20.20
N LEU A 67 27.94 -4.57 19.39
CA LEU A 67 27.92 -4.29 17.95
C LEU A 67 26.80 -5.06 17.24
N LYS A 68 26.53 -6.28 17.72
CA LYS A 68 25.47 -7.12 17.18
C LYS A 68 24.08 -6.53 17.42
N ARG A 69 23.91 -5.84 18.55
CA ARG A 69 22.61 -5.26 18.92
C ARG A 69 22.32 -3.98 18.15
N PHE A 70 23.36 -3.16 17.93
CA PHE A 70 23.20 -1.90 17.23
C PHE A 70 22.95 -2.10 15.74
N TYR A 71 23.68 -3.03 15.14
CA TYR A 71 23.58 -3.26 13.70
C TYR A 71 22.31 -4.01 13.29
N LYS A 72 21.55 -4.47 14.27
CA LYS A 72 20.19 -4.97 14.02
C LYS A 72 19.27 -3.82 13.69
N VAL A 73 19.44 -2.71 14.41
CA VAL A 73 18.68 -1.49 14.18
C VAL A 73 19.00 -0.90 12.80
N VAL A 74 20.30 -0.86 12.47
CA VAL A 74 20.74 -0.39 11.14
C VAL A 74 20.19 -1.30 10.04
N GLU A 75 20.15 -2.61 10.32
CA GLU A 75 19.59 -3.59 9.39
C GLU A 75 18.07 -3.39 9.19
N LYS A 76 17.38 -2.96 10.25
CA LYS A 76 15.95 -2.68 10.17
C LYS A 76 15.65 -1.44 9.34
N ILE A 77 16.58 -0.49 9.31
CA ILE A 77 16.46 0.72 8.49
C ILE A 77 16.49 0.40 7.00
N LEU A 78 17.24 -0.64 6.63
CA LEU A 78 17.46 -1.01 5.23
C LEU A 78 16.37 -1.94 4.66
N THR A 79 15.40 -2.29 5.50
CA THR A 79 14.34 -3.21 5.12
C THR A 79 12.97 -2.66 5.47
N GLN A 80 12.93 -1.36 5.76
CA GLN A 80 11.78 -0.70 6.38
C GLN A 80 10.52 -0.64 5.52
N SER A 81 9.36 -0.63 6.18
CA SER A 81 8.11 -0.22 5.56
C SER A 81 7.95 1.28 5.78
N SER A 82 7.09 1.92 4.99
CA SER A 82 6.75 3.31 5.21
C SER A 82 6.09 3.49 6.58
N PHE A 83 6.44 4.60 7.24
CA PHE A 83 5.90 4.96 8.55
C PHE A 83 6.29 3.99 9.68
N GLU A 84 7.37 3.24 9.47
CA GLU A 84 7.82 2.25 10.45
C GLU A 84 8.69 2.88 11.55
N CYS A 85 8.49 2.40 12.77
CA CYS A 85 9.28 2.85 13.92
C CYS A 85 9.79 1.69 14.74
N ILE A 86 10.84 1.94 15.52
CA ILE A 86 11.18 1.12 16.69
C ILE A 86 11.21 2.02 17.93
N HIS A 87 11.30 1.41 19.10
CA HIS A 87 11.39 2.18 20.34
C HIS A 87 12.77 2.82 20.50
N LEU A 88 12.81 3.95 21.22
CA LEU A 88 14.06 4.59 21.62
C LEU A 88 14.78 3.74 22.65
N SER A 89 14.00 3.02 23.46
CA SER A 89 14.55 2.15 24.51
C SER A 89 15.37 0.99 23.95
N VAL A 90 15.17 0.68 22.67
CA VAL A 90 15.95 -0.36 21.98
C VAL A 90 17.40 0.09 21.80
N LEU A 91 17.61 1.41 21.80
CA LEU A 91 18.91 1.99 21.47
C LEU A 91 19.88 2.08 22.66
N HIS A 92 19.45 1.61 23.83
CA HIS A 92 20.32 1.65 25.02
C HIS A 92 20.21 0.45 25.96
N LYS A 93 19.04 -0.20 26.00
CA LYS A 93 18.79 -1.29 26.94
C LYS A 93 19.45 -2.61 26.54
N CYS A 94 19.88 -3.37 27.56
CA CYS A 94 20.53 -4.67 27.37
C CYS A 94 21.92 -4.58 26.71
N TYR A 95 22.58 -3.44 26.89
CA TYR A 95 23.95 -3.25 26.41
C TYR A 95 24.94 -3.50 27.53
N ASP A 96 26.12 -4.00 27.18
CA ASP A 96 27.22 -4.12 28.12
C ASP A 96 27.90 -2.76 28.26
N TYR A 97 27.77 -2.16 29.44
CA TYR A 97 28.25 -0.79 29.66
C TYR A 97 29.72 -0.73 30.08
N ASP A 98 30.17 -1.75 30.82
CA ASP A 98 31.55 -1.79 31.31
C ASP A 98 32.59 -1.94 30.20
N ALA A 99 32.19 -2.55 29.08
CA ALA A 99 33.08 -2.78 27.95
C ALA A 99 33.32 -1.52 27.11
N ILE A 100 32.46 -0.52 27.31
CA ILE A 100 32.58 0.75 26.59
C ILE A 100 33.55 1.69 27.33
N PRO A 101 34.69 2.01 26.69
CA PRO A 101 35.77 2.76 27.32
C PRO A 101 35.46 4.24 27.49
N TRP A 102 34.94 4.88 26.44
CA TRP A 102 34.65 6.31 26.46
C TRP A 102 33.43 6.65 27.32
N LEU A 103 32.84 5.64 27.93
CA LEU A 103 31.77 5.81 28.91
C LEU A 103 32.23 5.44 30.33
N GLN A 104 33.46 4.94 30.44
CA GLN A 104 34.02 4.52 31.73
C GLN A 104 34.50 5.71 32.57
N ASN A 105 35.15 6.67 31.91
CA ASN A 105 35.57 7.91 32.58
C ASN A 105 34.40 8.87 32.82
N VAL A 106 33.21 8.29 32.98
CA VAL A 106 31.96 9.04 33.11
C VAL A 106 31.06 8.38 34.16
N GLU A 107 30.14 9.17 34.72
CA GLU A 107 29.12 8.67 35.66
C GLU A 107 28.64 7.26 35.30
N PRO A 108 28.81 6.30 36.23
CA PRO A 108 28.46 4.89 36.01
C PRO A 108 26.99 4.64 35.64
N ASN A 109 26.08 5.43 36.19
CA ASN A 109 24.64 5.19 36.00
C ASN A 109 23.93 6.14 35.03
N LEU A 110 24.55 7.28 34.74
CA LEU A 110 23.98 8.24 33.79
C LEU A 110 24.29 7.89 32.33
N ARG A 111 24.63 6.62 32.09
CA ARG A 111 25.07 6.16 30.78
C ARG A 111 23.94 5.92 29.77
N PRO A 112 22.83 5.28 30.20
CA PRO A 112 21.73 4.97 29.27
C PRO A 112 21.38 6.13 28.34
N LYS A 113 21.12 7.30 28.91
CA LYS A 113 20.69 8.47 28.14
C LYS A 113 21.83 9.06 27.30
N LEU A 114 23.06 8.87 27.74
CA LEU A 114 24.23 9.32 26.99
C LEU A 114 24.52 8.40 25.81
N LEU A 115 24.43 7.08 26.04
CA LEU A 115 24.55 6.10 24.96
C LEU A 115 23.46 6.31 23.92
N LEU A 116 22.23 6.50 24.39
CA LEU A 116 21.09 6.78 23.52
C LEU A 116 21.28 8.07 22.71
N LYS A 117 21.81 9.09 23.36
CA LYS A 117 22.07 10.39 22.73
C LYS A 117 23.11 10.28 21.63
N HIS A 118 24.13 9.45 21.86
CA HIS A 118 25.20 9.25 20.89
C HIS A 118 24.75 8.32 19.76
N ASN A 119 24.02 7.27 20.11
CA ASN A 119 23.44 6.38 19.12
C ASN A 119 22.58 7.16 18.12
N LEU A 120 21.65 7.96 18.64
CA LEU A 120 20.84 8.86 17.81
C LEU A 120 21.69 9.60 16.79
N PHE A 121 22.78 10.20 17.27
CA PHE A 121 23.70 10.96 16.42
C PHE A 121 24.27 10.12 15.28
N LEU A 122 24.71 8.90 15.61
CA LEU A 122 25.29 7.99 14.62
C LEU A 122 24.30 7.68 13.50
N LEU A 123 23.07 7.34 13.87
CA LEU A 123 22.01 7.06 12.91
C LEU A 123 21.68 8.29 12.06
N ASP A 124 21.50 9.42 12.73
CA ASP A 124 21.01 10.64 12.08
C ASP A 124 22.07 11.38 11.26
N ASN A 125 23.33 11.27 11.65
CA ASN A 125 24.41 12.06 11.04
C ASN A 125 25.38 11.28 10.16
N ILE A 126 25.37 9.95 10.28
CA ILE A 126 26.25 9.10 9.46
C ILE A 126 25.46 8.00 8.74
N VAL A 127 24.78 7.14 9.51
CA VAL A 127 24.11 5.96 8.97
C VAL A 127 23.09 6.31 7.87
N LYS A 128 22.06 7.06 8.24
CA LYS A 128 21.01 7.44 7.29
C LYS A 128 21.52 8.31 6.13
N PRO A 129 22.32 9.36 6.44
CA PRO A 129 22.89 10.19 5.37
C PRO A 129 23.73 9.40 4.36
N ILE A 130 24.54 8.46 4.85
CA ILE A 130 25.40 7.66 3.96
C ILE A 130 24.59 6.65 3.13
N ILE A 131 23.40 6.30 3.64
CA ILE A 131 22.44 5.51 2.87
C ILE A 131 21.80 6.39 1.80
N ALA A 132 21.30 7.55 2.22
CA ALA A 132 20.65 8.50 1.31
C ALA A 132 21.62 9.10 0.30
N PHE A 133 22.91 9.14 0.66
CA PHE A 133 23.96 9.58 -0.25
C PHE A 133 24.26 8.54 -1.32
N TYR A 134 24.18 7.27 -0.93
CA TYR A 134 24.47 6.16 -1.84
C TYR A 134 23.23 5.60 -2.53
N TYR A 135 22.06 5.80 -1.94
CA TYR A 135 20.83 5.18 -2.43
C TYR A 135 19.64 6.13 -2.49
N LYS A 136 18.58 5.68 -3.16
CA LYS A 136 17.33 6.41 -3.24
C LYS A 136 16.16 5.50 -2.82
N PRO A 137 15.53 5.82 -1.68
CA PRO A 137 14.34 5.08 -1.23
C PRO A 137 13.12 5.44 -2.09
N ILE A 138 12.60 4.46 -2.81
CA ILE A 138 11.43 4.66 -3.67
C ILE A 138 10.24 3.85 -3.16
N LYS A 139 9.07 4.48 -3.14
CA LYS A 139 7.82 3.79 -2.83
C LYS A 139 7.37 3.01 -4.06
N THR A 140 7.20 1.70 -3.90
CA THR A 140 6.68 0.86 -4.99
C THR A 140 5.16 1.01 -5.13
N LEU A 141 4.56 1.66 -4.13
CA LEU A 141 3.11 1.87 -4.05
C LEU A 141 2.32 0.58 -3.90
N ASN A 142 3.04 -0.50 -3.60
CA ASN A 142 2.42 -1.78 -3.27
C ASN A 142 2.48 -2.00 -1.77
N GLY A 143 1.39 -1.66 -1.08
CA GLY A 143 1.39 -1.57 0.37
C GLY A 143 2.32 -0.45 0.80
N HIS A 144 3.14 -0.71 1.80
CA HIS A 144 4.09 0.28 2.30
C HIS A 144 5.54 -0.09 1.98
N GLU A 145 5.72 -0.91 0.93
CA GLU A 145 7.05 -1.38 0.54
C GLU A 145 7.96 -0.24 0.10
N ILE A 146 9.22 -0.31 0.55
CA ILE A 146 10.25 0.61 0.07
C ILE A 146 11.42 -0.19 -0.53
N LYS A 147 11.54 -0.16 -1.86
CA LYS A 147 12.67 -0.74 -2.54
C LYS A 147 13.83 0.24 -2.57
N PHE A 148 15.04 -0.26 -2.28
CA PHE A 148 16.23 0.58 -2.29
C PHE A 148 16.98 0.51 -3.63
N ILE A 149 16.98 1.65 -4.33
CA ILE A 149 17.61 1.76 -5.64
C ILE A 149 18.81 2.70 -5.57
N ARG A 150 19.89 2.33 -6.27
CA ARG A 150 21.13 3.09 -6.27
C ARG A 150 20.92 4.50 -6.84
N LYS A 151 21.31 5.50 -6.05
CA LYS A 151 21.16 6.91 -6.43
C LYS A 151 21.76 7.22 -7.81
N GLU A 152 22.83 6.49 -8.15
CA GLU A 152 23.53 6.66 -9.42
C GLU A 152 22.67 6.29 -10.63
N GLU A 153 22.02 5.13 -10.57
CA GLU A 153 21.23 4.62 -11.71
C GLU A 153 19.84 5.25 -11.77
N TYR A 154 19.35 5.73 -10.64
CA TYR A 154 18.05 6.39 -10.57
C TYR A 154 18.07 7.77 -11.22
N ILE A 155 19.19 8.47 -11.09
CA ILE A 155 19.35 9.79 -11.71
C ILE A 155 19.57 9.66 -13.23
N SER A 156 20.21 8.56 -13.65
CA SER A 156 20.34 8.23 -15.06
C SER A 156 19.00 7.78 -15.63
N PHE A 157 18.17 7.17 -14.78
CA PHE A 157 16.78 6.82 -15.13
C PHE A 157 15.93 8.09 -15.26
N GLU A 158 16.12 9.01 -14.32
CA GLU A 158 15.36 10.26 -14.26
C GLU A 158 15.66 11.16 -15.45
N SER A 159 16.92 11.18 -15.87
CA SER A 159 17.34 11.98 -17.03
C SER A 159 16.85 11.39 -18.34
N LYS A 160 16.62 10.07 -18.36
CA LYS A 160 16.06 9.38 -19.52
C LYS A 160 14.59 9.74 -19.72
N VAL A 161 13.87 9.94 -18.61
CA VAL A 161 12.45 10.25 -18.66
C VAL A 161 12.20 11.75 -18.79
N PHE A 162 12.98 12.54 -18.06
CA PHE A 162 12.95 14.00 -18.16
C PHE A 162 13.28 14.45 -19.59
N HIS A 163 14.01 13.61 -20.31
CA HIS A 163 14.35 13.86 -21.71
C HIS A 163 13.11 13.82 -22.60
N LYS A 164 12.30 12.79 -22.45
CA LYS A 164 11.08 12.60 -23.24
C LYS A 164 10.13 13.81 -23.13
N LEU A 165 9.85 14.21 -21.89
CA LEU A 165 8.93 15.31 -21.61
C LEU A 165 9.44 16.64 -22.15
N LYS A 166 10.77 16.82 -22.11
CA LYS A 166 11.40 18.01 -22.65
C LYS A 166 11.42 17.98 -24.18
N LYS A 167 11.68 16.80 -24.74
CA LYS A 167 11.78 16.62 -26.19
C LYS A 167 10.40 16.65 -26.85
N MET A 168 9.40 16.16 -26.13
CA MET A 168 8.02 16.15 -26.61
C MET A 168 7.42 17.56 -26.52
N LYS A 169 6.46 17.74 -25.61
CA LYS A 169 5.87 19.05 -25.35
C LYS A 169 5.07 19.00 -24.04
N TYR A 170 5.10 17.85 -23.39
CA TYR A 170 4.38 17.60 -22.13
C TYR A 170 4.81 18.54 -21.02
N LEU A 171 6.09 18.92 -21.05
CA LEU A 171 6.69 19.76 -20.02
C LEU A 171 7.50 20.90 -20.67
N VAL A 172 7.16 22.14 -20.33
CA VAL A 172 7.81 23.30 -20.92
C VAL A 172 8.29 24.27 -19.83
N GLU A 173 9.57 24.64 -19.88
CA GLU A 173 10.16 25.57 -18.92
C GLU A 173 9.49 26.94 -19.00
N VAL A 174 9.19 27.53 -17.85
CA VAL A 174 8.48 28.80 -17.81
C VAL A 174 9.41 30.02 -17.78
N GLN A 175 10.44 29.96 -16.94
CA GLN A 175 11.35 31.09 -16.73
C GLN A 175 10.61 32.38 -16.33
N ASP A 176 10.35 32.59 -15.04
CA ASP A 176 10.66 31.64 -13.98
C ASP A 176 9.77 32.02 -12.79
N GLU A 177 10.37 32.21 -11.62
CA GLU A 177 9.80 33.03 -10.52
C GLU A 177 8.39 32.70 -10.01
N VAL A 178 7.49 32.29 -10.90
CA VAL A 178 6.04 32.28 -10.60
C VAL A 178 5.57 31.03 -9.84
N LYS A 179 5.88 30.99 -8.54
CA LYS A 179 5.28 30.06 -7.57
C LYS A 179 4.79 28.71 -8.13
N PRO A 180 5.66 27.67 -8.08
CA PRO A 180 5.28 26.33 -8.50
C PRO A 180 4.30 25.66 -7.52
N ARG A 181 3.51 24.73 -8.05
CA ARG A 181 2.52 23.99 -7.27
C ARG A 181 3.21 23.02 -6.32
N GLY A 182 4.25 22.37 -6.83
CA GLY A 182 5.05 21.44 -6.04
C GLY A 182 6.30 21.02 -6.80
N VAL A 183 6.86 19.88 -6.40
CA VAL A 183 8.06 19.36 -7.05
C VAL A 183 7.75 18.10 -7.87
N LEU A 184 8.29 18.04 -9.08
CA LEU A 184 8.07 16.92 -9.98
C LEU A 184 8.92 15.71 -9.58
N ASN A 185 8.28 14.54 -9.54
CA ASN A 185 8.96 13.28 -9.27
C ASN A 185 8.76 12.28 -10.40
N ILE A 186 9.82 11.56 -10.73
CA ILE A 186 9.74 10.50 -11.73
C ILE A 186 9.85 9.15 -11.05
N ILE A 187 8.71 8.47 -10.89
CA ILE A 187 8.65 7.18 -10.22
C ILE A 187 8.51 6.05 -11.24
N PRO A 188 9.34 4.99 -11.11
CA PRO A 188 9.24 3.79 -11.96
C PRO A 188 7.87 3.10 -11.92
N LYS A 189 7.54 2.38 -12.99
CA LYS A 189 6.30 1.62 -13.09
C LYS A 189 6.63 0.12 -13.24
N GLN A 190 6.19 -0.50 -14.33
CA GLN A 190 6.53 -1.89 -14.64
C GLN A 190 7.87 -1.91 -15.37
N ASP A 191 7.83 -1.56 -16.65
CA ASP A 191 9.03 -1.20 -17.40
C ASP A 191 8.97 0.31 -17.65
N ASN A 192 7.82 0.89 -17.34
CA ASN A 192 7.52 2.29 -17.66
C ASN A 192 7.90 3.23 -16.52
N PHE A 193 7.36 4.46 -16.57
CA PHE A 193 7.56 5.43 -15.50
C PHE A 193 6.23 5.99 -14.99
N ARG A 194 6.32 7.03 -14.15
CA ARG A 194 5.16 7.71 -13.61
C ARG A 194 5.56 9.14 -13.24
N ALA A 195 4.85 10.11 -13.79
CA ALA A 195 5.18 11.52 -13.56
C ALA A 195 4.15 12.21 -12.67
N ILE A 196 4.44 12.27 -11.37
CA ILE A 196 3.53 12.89 -10.40
C ILE A 196 4.14 14.15 -9.79
N VAL A 197 3.32 14.90 -9.06
CA VAL A 197 3.81 16.06 -8.31
C VAL A 197 3.65 15.91 -6.79
N SER A 198 4.77 16.02 -6.08
CA SER A 198 4.74 16.10 -4.63
C SER A 198 4.38 17.53 -4.26
N ILE A 199 3.21 17.68 -3.65
CA ILE A 199 2.65 19.00 -3.35
C ILE A 199 3.27 19.60 -2.09
N PHE A 200 3.60 20.89 -2.17
CA PHE A 200 4.00 21.67 -1.00
C PHE A 200 2.82 21.75 -0.03
N PRO A 201 3.04 21.42 1.25
CA PRO A 201 1.99 21.58 2.28
C PRO A 201 1.67 23.06 2.55
N ASP A 202 0.91 23.67 1.63
CA ASP A 202 0.54 25.07 1.72
C ASP A 202 -0.95 25.18 2.10
N SER A 203 -1.23 25.04 3.39
CA SER A 203 -2.57 24.73 3.87
C SER A 203 -3.04 25.54 5.08
N ALA A 204 -3.98 26.48 4.91
CA ALA A 204 -4.51 26.93 3.61
C ALA A 204 -5.09 25.85 2.68
N ARG A 205 -5.14 26.18 1.40
CA ARG A 205 -5.61 25.30 0.31
C ARG A 205 -6.15 23.89 0.60
N LYS A 206 -5.52 23.14 1.49
CA LYS A 206 -5.93 21.75 1.76
C LYS A 206 -7.45 21.58 2.02
N PRO A 207 -8.01 22.31 3.02
CA PRO A 207 -9.46 22.27 3.21
C PRO A 207 -10.24 23.00 2.10
N PHE A 208 -9.58 23.93 1.42
CA PHE A 208 -10.20 24.65 0.30
C PHE A 208 -10.41 23.69 -0.87
N PHE A 209 -9.34 23.07 -1.32
CA PHE A 209 -9.41 22.02 -2.34
C PHE A 209 -10.40 20.92 -1.96
N LYS A 210 -10.40 20.54 -0.68
CA LYS A 210 -11.32 19.52 -0.18
C LYS A 210 -12.78 19.91 -0.37
N LEU A 211 -13.04 21.22 -0.43
CA LEU A 211 -14.39 21.74 -0.61
C LEU A 211 -14.77 21.77 -2.08
N LEU A 212 -13.77 21.97 -2.94
CA LEU A 212 -13.97 21.99 -4.39
C LEU A 212 -14.40 20.62 -4.93
N THR A 213 -13.69 19.57 -4.52
CA THR A 213 -13.99 18.22 -4.97
C THR A 213 -15.35 17.75 -4.44
N SER A 214 -15.70 18.20 -3.24
CA SER A 214 -16.96 17.85 -2.62
C SER A 214 -18.14 18.35 -3.45
N LYS A 215 -17.96 19.51 -4.09
CA LYS A 215 -19.02 20.15 -4.85
C LYS A 215 -19.08 19.67 -6.31
N ILE A 216 -17.94 19.25 -6.85
CA ILE A 216 -17.89 18.65 -8.18
C ILE A 216 -18.49 17.24 -8.17
N TYR A 217 -18.38 16.56 -7.03
CA TYR A 217 -19.04 15.27 -6.84
C TYR A 217 -20.55 15.40 -6.60
N LYS A 218 -20.99 16.60 -6.21
CA LYS A 218 -22.42 16.90 -6.08
C LYS A 218 -23.03 17.15 -7.45
N VAL A 219 -22.23 17.74 -8.35
CA VAL A 219 -22.67 18.01 -9.72
C VAL A 219 -22.84 16.71 -10.48
N LEU A 220 -21.91 15.78 -10.28
CA LEU A 220 -21.89 14.52 -11.02
C LEU A 220 -23.12 13.67 -10.75
N GLU A 221 -23.58 13.65 -9.50
CA GLU A 221 -24.74 12.84 -9.13
C GLU A 221 -26.07 13.44 -9.59
N GLU A 222 -26.20 14.76 -9.50
CA GLU A 222 -27.44 15.45 -9.85
C GLU A 222 -27.63 15.66 -11.36
N LYS A 223 -26.52 15.78 -12.08
CA LYS A 223 -26.60 16.06 -13.52
C LYS A 223 -26.35 14.83 -14.39
N TYR A 224 -25.26 14.12 -14.11
CA TYR A 224 -24.83 13.01 -14.96
C TYR A 224 -25.41 11.67 -14.52
N LYS A 225 -25.25 10.67 -15.40
CA LYS A 225 -25.85 9.34 -15.24
C LYS A 225 -25.41 8.67 -13.94
N THR A 226 -26.37 8.37 -13.07
CA THR A 226 -26.10 7.65 -11.82
C THR A 226 -25.62 6.22 -12.15
N SER A 227 -24.31 6.04 -12.11
CA SER A 227 -23.64 4.95 -12.84
C SER A 227 -23.54 3.61 -12.09
N GLY A 228 -24.65 3.20 -11.46
CA GLY A 228 -24.76 1.84 -10.91
C GLY A 228 -24.55 1.73 -9.41
N SER A 229 -23.60 0.87 -9.03
CA SER A 229 -23.31 0.54 -7.63
C SER A 229 -22.25 -0.55 -7.61
N LEU A 230 -22.48 -1.58 -8.41
CA LEU A 230 -21.54 -2.66 -8.66
C LEU A 230 -21.79 -3.95 -7.90
N TYR A 231 -22.54 -3.92 -6.80
CA TYR A 231 -23.13 -5.15 -6.28
C TYR A 231 -24.48 -5.37 -6.96
N THR A 232 -25.25 -4.30 -7.04
CA THR A 232 -26.57 -4.32 -7.66
C THR A 232 -26.46 -4.65 -9.15
N CYS A 233 -25.49 -4.04 -9.83
CA CYS A 233 -25.27 -4.26 -11.27
C CYS A 233 -24.99 -5.72 -11.61
N TRP A 234 -24.02 -6.31 -10.91
CA TRP A 234 -23.64 -7.71 -11.13
C TRP A 234 -24.74 -8.67 -10.67
N SER A 235 -25.34 -8.36 -9.54
CA SER A 235 -26.39 -9.19 -8.96
C SER A 235 -27.59 -9.33 -9.90
N GLU A 236 -28.07 -8.19 -10.40
CA GLU A 236 -29.20 -8.17 -11.32
C GLU A 236 -28.85 -8.82 -12.65
N PHE A 237 -27.65 -8.55 -13.15
CA PHE A 237 -27.19 -9.08 -14.41
C PHE A 237 -27.13 -10.60 -14.43
N THR A 238 -26.56 -11.19 -13.38
CA THR A 238 -26.48 -12.66 -13.30
C THR A 238 -27.85 -13.30 -13.14
N GLN A 239 -28.75 -12.64 -12.41
CA GLN A 239 -30.12 -13.13 -12.23
C GLN A 239 -30.91 -13.18 -13.53
N LYS A 240 -30.73 -12.16 -14.37
CA LYS A 240 -31.49 -12.05 -15.61
C LYS A 240 -30.91 -12.94 -16.71
N THR A 241 -29.60 -13.15 -16.68
CA THR A 241 -28.92 -13.91 -17.74
C THR A 241 -28.94 -15.41 -17.44
N GLN A 242 -29.29 -16.20 -18.44
CA GLN A 242 -29.38 -17.65 -18.32
C GLN A 242 -28.29 -18.40 -19.06
N GLY A 243 -27.76 -17.79 -20.12
CA GLY A 243 -26.71 -18.43 -20.93
C GLY A 243 -25.31 -18.18 -20.42
N GLN A 244 -24.32 -18.49 -21.26
CA GLN A 244 -22.92 -18.19 -20.98
C GLN A 244 -22.64 -16.70 -21.08
N ILE A 245 -22.10 -16.11 -20.02
CA ILE A 245 -21.72 -14.71 -20.03
C ILE A 245 -20.39 -14.50 -20.74
N TYR A 246 -20.35 -13.50 -21.62
CA TYR A 246 -19.10 -13.02 -22.21
C TYR A 246 -18.81 -11.62 -21.70
N GLY A 247 -17.54 -11.29 -21.50
CA GLY A 247 -17.18 -10.03 -20.88
C GLY A 247 -15.78 -9.53 -21.21
N ILE A 248 -15.62 -8.21 -21.14
CA ILE A 248 -14.34 -7.57 -21.42
C ILE A 248 -14.02 -6.48 -20.39
N LYS A 249 -12.76 -6.41 -19.97
CA LYS A 249 -12.27 -5.28 -19.18
C LYS A 249 -11.10 -4.59 -19.89
N VAL A 250 -11.19 -3.27 -20.05
CA VAL A 250 -10.12 -2.48 -20.65
C VAL A 250 -9.54 -1.44 -19.71
N ASP A 251 -8.21 -1.39 -19.64
CA ASP A 251 -7.51 -0.30 -18.95
C ASP A 251 -7.20 0.81 -19.93
N ILE A 252 -7.50 2.05 -19.54
CA ILE A 252 -7.19 3.21 -20.35
C ILE A 252 -5.75 3.69 -20.08
N ARG A 253 -5.03 4.01 -21.16
CA ARG A 253 -3.68 4.55 -21.05
C ARG A 253 -3.72 5.95 -20.43
N ASP A 254 -2.86 6.17 -19.43
CA ASP A 254 -2.73 7.47 -18.76
C ASP A 254 -3.97 8.36 -18.90
N ALA A 255 -4.97 8.09 -18.06
CA ALA A 255 -6.27 8.76 -18.13
C ALA A 255 -6.21 10.26 -17.81
N TYR A 256 -5.37 10.62 -16.83
CA TYR A 256 -5.20 12.01 -16.44
C TYR A 256 -4.59 12.85 -17.56
N GLY A 257 -3.60 12.29 -18.26
CA GLY A 257 -2.90 13.01 -19.32
C GLY A 257 -3.67 13.08 -20.63
N ASN A 258 -4.72 12.29 -20.76
CA ASN A 258 -5.50 12.24 -21.98
C ASN A 258 -6.69 13.20 -22.00
N VAL A 259 -6.96 13.80 -20.85
CA VAL A 259 -8.03 14.78 -20.70
C VAL A 259 -7.71 16.04 -21.50
N LYS A 260 -8.65 16.52 -22.30
CA LYS A 260 -8.48 17.77 -23.02
C LYS A 260 -8.97 18.94 -22.17
N ILE A 261 -8.04 19.78 -21.73
CA ILE A 261 -8.36 20.92 -20.87
C ILE A 261 -9.46 21.83 -21.46
N PRO A 262 -9.36 22.16 -22.77
CA PRO A 262 -10.45 22.89 -23.43
C PRO A 262 -11.83 22.30 -23.13
N VAL A 263 -11.99 21.00 -23.32
CA VAL A 263 -13.25 20.31 -23.03
C VAL A 263 -13.63 20.41 -21.54
N LEU A 264 -12.65 20.23 -20.66
CA LEU A 264 -12.86 20.30 -19.23
C LEU A 264 -13.29 21.70 -18.77
N CYS A 265 -12.67 22.73 -19.32
CA CYS A 265 -13.04 24.11 -19.02
C CYS A 265 -14.49 24.42 -19.36
N LYS A 266 -14.93 23.97 -20.53
CA LYS A 266 -16.32 24.12 -20.95
C LYS A 266 -17.30 23.47 -19.97
N LEU A 267 -16.87 22.35 -19.39
CA LEU A 267 -17.70 21.58 -18.45
C LEU A 267 -17.79 22.24 -17.07
N ILE A 268 -16.62 22.56 -16.51
CA ILE A 268 -16.54 23.36 -15.27
C ILE A 268 -17.31 24.67 -15.44
N GLN A 269 -17.26 25.25 -16.64
CA GLN A 269 -17.94 26.50 -16.92
C GLN A 269 -19.43 26.30 -17.25
N SER A 270 -19.85 25.05 -17.35
CA SER A 270 -21.22 24.71 -17.74
C SER A 270 -22.14 24.53 -16.53
N ILE A 271 -21.55 24.43 -15.35
CA ILE A 271 -22.28 24.13 -14.11
C ILE A 271 -23.07 25.34 -13.61
N PRO A 272 -24.35 25.13 -13.22
CA PRO A 272 -25.16 26.15 -12.57
C PRO A 272 -24.48 26.71 -11.32
N THR A 273 -24.70 28.00 -11.05
CA THR A 273 -23.99 28.70 -9.98
C THR A 273 -24.44 28.33 -8.56
N HIS A 274 -25.63 27.74 -8.44
CA HIS A 274 -26.10 27.27 -7.13
C HIS A 274 -25.35 26.01 -6.69
N LEU A 275 -24.79 25.29 -7.66
CA LEU A 275 -23.93 24.12 -7.37
C LEU A 275 -22.46 24.51 -7.32
N LEU A 276 -22.08 25.50 -8.12
CA LEU A 276 -20.71 26.00 -8.14
C LEU A 276 -20.68 27.39 -8.75
N ASP A 277 -20.40 28.39 -7.93
CA ASP A 277 -20.48 29.78 -8.37
C ASP A 277 -19.23 30.23 -9.12
N SER A 278 -19.37 31.30 -9.90
CA SER A 278 -18.35 31.77 -10.84
C SER A 278 -16.96 31.89 -10.23
N GLU A 279 -16.87 32.46 -9.04
CA GLU A 279 -15.60 32.71 -8.37
C GLU A 279 -14.76 31.43 -8.23
N LYS A 280 -15.41 30.34 -7.87
CA LYS A 280 -14.77 29.02 -7.78
C LYS A 280 -14.53 28.42 -9.17
N LYS A 281 -15.49 28.61 -10.08
CA LYS A 281 -15.38 28.13 -11.46
C LYS A 281 -14.18 28.78 -12.16
N ASN A 282 -14.12 30.10 -12.11
CA ASN A 282 -13.00 30.85 -12.68
C ASN A 282 -11.67 30.37 -12.13
N PHE A 283 -11.63 30.07 -10.83
CA PHE A 283 -10.43 29.61 -10.17
C PHE A 283 -10.00 28.22 -10.66
N ILE A 284 -10.94 27.30 -10.74
CA ILE A 284 -10.67 25.94 -11.20
C ILE A 284 -10.17 25.95 -12.64
N VAL A 285 -10.74 26.82 -13.47
CA VAL A 285 -10.37 26.93 -14.88
C VAL A 285 -8.89 27.26 -15.08
N ASP A 286 -8.41 28.33 -14.44
CA ASP A 286 -7.02 28.76 -14.62
C ASP A 286 -6.06 27.85 -13.86
N HIS A 287 -6.52 27.29 -12.75
CA HIS A 287 -5.75 26.34 -11.97
C HIS A 287 -5.49 25.07 -12.77
N ILE A 288 -6.42 24.74 -13.68
CA ILE A 288 -6.27 23.59 -14.57
C ILE A 288 -5.42 23.95 -15.77
N SER A 289 -5.35 25.25 -16.07
CA SER A 289 -4.64 25.75 -17.24
C SER A 289 -3.19 26.11 -16.94
N ASN A 290 -2.90 26.42 -15.67
CA ASN A 290 -1.59 26.92 -15.27
C ASN A 290 -0.88 25.99 -14.28
N GLN A 291 -0.66 24.75 -14.71
CA GLN A 291 -0.06 23.73 -13.85
C GLN A 291 1.46 23.88 -13.83
N PHE A 292 1.97 24.47 -12.76
CA PHE A 292 3.40 24.78 -12.64
C PHE A 292 4.14 23.83 -11.72
N VAL A 293 5.32 23.38 -12.15
CA VAL A 293 6.13 22.43 -11.38
C VAL A 293 7.61 22.78 -11.38
N ALA A 294 8.29 22.46 -10.28
CA ALA A 294 9.74 22.59 -10.19
C ALA A 294 10.39 21.21 -10.25
N PHE A 295 11.51 21.11 -10.95
CA PHE A 295 12.20 19.82 -11.08
C PHE A 295 13.62 19.87 -10.50
N ARG A 296 14.49 20.66 -11.13
CA ARG A 296 15.85 20.86 -10.64
C ARG A 296 16.17 22.36 -10.62
N ARG A 297 15.68 23.03 -9.57
CA ARG A 297 15.83 24.49 -9.40
C ARG A 297 15.06 25.33 -10.44
N LYS A 298 14.73 24.73 -11.58
CA LYS A 298 14.04 25.43 -12.65
C LYS A 298 12.56 25.04 -12.73
N ILE A 299 11.71 26.03 -13.02
CA ILE A 299 10.27 25.84 -12.98
C ILE A 299 9.70 25.53 -14.38
N TYR A 300 8.68 24.68 -14.41
CA TYR A 300 8.12 24.17 -15.65
C TYR A 300 6.59 24.23 -15.66
N LYS A 301 6.03 24.41 -16.84
CA LYS A 301 4.58 24.34 -17.03
C LYS A 301 4.22 22.96 -17.58
N TRP A 302 3.33 22.25 -16.89
CA TRP A 302 2.82 20.99 -17.37
C TRP A 302 1.57 21.23 -18.19
N ASN A 303 1.55 20.72 -19.42
CA ASN A 303 0.42 20.93 -20.31
C ASN A 303 -0.08 19.68 -21.05
N HIS A 304 0.36 18.51 -20.60
CA HIS A 304 -0.24 17.25 -21.05
C HIS A 304 -1.30 16.80 -20.05
N GLY A 305 -2.56 17.13 -20.35
CA GLY A 305 -3.67 16.74 -19.50
C GLY A 305 -3.55 17.24 -18.06
N LEU A 306 -4.09 16.47 -17.13
CA LEU A 306 -4.07 16.83 -15.72
C LEU A 306 -2.87 16.22 -15.02
N LEU A 307 -2.26 16.98 -14.13
CA LEU A 307 -1.12 16.52 -13.34
C LEU A 307 -1.56 15.52 -12.29
N GLN A 308 -0.92 14.36 -12.27
CA GLN A 308 -1.16 13.36 -11.24
C GLN A 308 -0.56 13.85 -9.94
N GLY A 309 -1.36 13.91 -8.88
CA GLY A 309 -0.87 14.33 -7.56
C GLY A 309 -1.48 15.64 -7.05
N ASP A 310 -2.05 16.41 -7.96
CA ASP A 310 -2.85 17.57 -7.59
C ASP A 310 -4.16 17.11 -6.92
N PRO A 311 -4.57 17.79 -5.82
CA PRO A 311 -5.80 17.46 -5.10
C PRO A 311 -7.06 17.39 -5.97
N LEU A 312 -7.11 18.22 -7.01
CA LEU A 312 -8.32 18.37 -7.82
C LEU A 312 -8.44 17.40 -9.00
N SER A 313 -7.31 16.87 -9.47
CA SER A 313 -7.30 16.02 -10.67
C SER A 313 -8.28 14.85 -10.60
N GLY A 314 -8.34 14.15 -9.47
CA GLY A 314 -9.23 13.02 -9.28
C GLY A 314 -10.67 13.27 -9.64
N CYS A 315 -11.26 14.32 -9.08
CA CYS A 315 -12.67 14.63 -9.34
C CYS A 315 -12.88 15.24 -10.72
N LEU A 316 -11.86 15.91 -11.25
CA LEU A 316 -11.97 16.58 -12.54
C LEU A 316 -11.74 15.62 -13.72
N CYS A 317 -10.90 14.62 -13.52
CA CYS A 317 -10.82 13.50 -14.46
C CYS A 317 -12.15 12.76 -14.46
N GLU A 318 -12.76 12.64 -13.29
CA GLU A 318 -14.08 12.00 -13.15
C GLU A 318 -15.20 12.82 -13.80
N LEU A 319 -15.06 14.15 -13.81
CA LEU A 319 -16.03 15.01 -14.47
C LEU A 319 -15.94 14.79 -15.96
N TYR A 320 -14.72 14.82 -16.48
CA TYR A 320 -14.45 14.59 -17.90
C TYR A 320 -14.90 13.19 -18.33
N MET A 321 -14.57 12.19 -17.52
CA MET A 321 -14.88 10.79 -17.84
C MET A 321 -16.37 10.56 -18.04
N ALA A 322 -17.18 11.12 -17.14
CA ALA A 322 -18.63 10.94 -17.19
C ALA A 322 -19.24 11.61 -18.39
N PHE A 323 -18.59 12.66 -18.89
CA PHE A 323 -19.01 13.33 -20.10
C PHE A 323 -18.74 12.46 -21.34
N MET A 324 -17.58 11.82 -21.37
CA MET A 324 -17.25 10.85 -22.43
C MET A 324 -18.26 9.70 -22.44
N ASP A 325 -18.83 9.40 -21.27
CA ASP A 325 -19.81 8.34 -21.14
C ASP A 325 -21.14 8.72 -21.79
N ARG A 326 -21.59 9.93 -21.52
CA ARG A 326 -22.84 10.44 -22.09
C ARG A 326 -22.76 10.54 -23.61
N LEU A 327 -21.61 10.99 -24.11
CA LEU A 327 -21.42 11.24 -25.53
C LEU A 327 -21.25 9.97 -26.35
N TYR A 328 -20.45 9.03 -25.84
CA TYR A 328 -20.04 7.86 -26.62
C TYR A 328 -20.67 6.54 -26.18
N PHE A 329 -21.06 6.46 -24.91
CA PHE A 329 -21.54 5.18 -24.35
C PHE A 329 -22.98 5.20 -23.88
N SER A 330 -23.78 6.09 -24.47
CA SER A 330 -25.16 6.28 -24.04
C SER A 330 -26.16 5.41 -24.80
N ASN A 331 -25.66 4.59 -25.73
CA ASN A 331 -26.52 3.76 -26.57
C ASN A 331 -26.30 2.27 -26.36
N LEU A 332 -25.63 1.91 -25.27
CA LEU A 332 -25.33 0.52 -24.97
C LEU A 332 -26.59 -0.29 -24.66
N ASP A 333 -26.52 -1.58 -24.92
CA ASP A 333 -27.66 -2.46 -24.70
C ASP A 333 -28.15 -2.36 -23.26
N LYS A 334 -29.44 -2.11 -23.10
CA LYS A 334 -30.03 -1.90 -21.79
C LYS A 334 -30.24 -3.21 -21.02
N ASP A 335 -29.95 -4.33 -21.69
CA ASP A 335 -29.93 -5.64 -21.05
C ASP A 335 -28.51 -6.15 -20.77
N ALA A 336 -27.52 -5.33 -21.11
CA ALA A 336 -26.12 -5.68 -20.87
C ALA A 336 -25.68 -5.22 -19.49
N PHE A 337 -24.46 -5.62 -19.09
CA PHE A 337 -23.85 -5.18 -17.86
C PHE A 337 -22.78 -4.16 -18.18
N ILE A 338 -22.88 -2.97 -17.59
CA ILE A 338 -21.88 -1.91 -17.78
C ILE A 338 -21.48 -1.25 -16.45
N HIS A 339 -20.17 -1.16 -16.24
CA HIS A 339 -19.63 -0.48 -15.06
C HIS A 339 -18.25 0.08 -15.37
N ARG A 340 -17.94 1.25 -14.79
CA ARG A 340 -16.61 1.84 -14.94
C ARG A 340 -16.12 2.56 -13.68
N THR A 341 -14.85 2.39 -13.36
CA THR A 341 -14.26 2.99 -12.16
C THR A 341 -13.75 4.39 -12.41
N VAL A 342 -12.45 4.45 -12.70
CA VAL A 342 -11.81 5.66 -13.21
C VAL A 342 -11.41 5.34 -14.64
N ASP A 343 -10.32 4.59 -14.79
CA ASP A 343 -9.84 4.19 -16.12
C ASP A 343 -10.04 2.70 -16.41
N ASP A 344 -11.11 2.12 -15.86
CA ASP A 344 -11.45 0.72 -16.13
C ASP A 344 -12.91 0.57 -16.52
N TYR A 345 -13.15 0.12 -17.75
CA TYR A 345 -14.49 -0.25 -18.17
C TYR A 345 -14.67 -1.75 -18.06
N PHE A 346 -15.88 -2.16 -17.72
CA PHE A 346 -16.21 -3.57 -17.57
C PHE A 346 -17.57 -3.85 -18.20
N PHE A 347 -17.55 -4.48 -19.37
CA PHE A 347 -18.76 -4.75 -20.13
C PHE A 347 -19.00 -6.25 -20.25
N CYS A 348 -20.25 -6.66 -20.01
CA CYS A 348 -20.62 -8.08 -20.06
C CYS A 348 -21.94 -8.29 -20.77
N SER A 349 -21.98 -9.30 -21.63
CA SER A 349 -23.19 -9.66 -22.36
C SER A 349 -23.26 -11.16 -22.64
N PRO A 350 -24.47 -11.72 -22.69
CA PRO A 350 -24.62 -13.09 -23.19
C PRO A 350 -24.33 -13.18 -24.69
N HIS A 351 -24.32 -12.03 -25.36
CA HIS A 351 -24.13 -11.97 -26.80
C HIS A 351 -22.70 -11.56 -27.18
N PRO A 352 -21.89 -12.53 -27.64
CA PRO A 352 -20.47 -12.31 -27.97
C PRO A 352 -20.23 -11.17 -28.96
N HIS A 353 -21.20 -10.91 -29.84
CA HIS A 353 -21.03 -9.84 -30.81
C HIS A 353 -21.17 -8.45 -30.20
N LYS A 354 -21.93 -8.35 -29.11
CA LYS A 354 -22.13 -7.08 -28.41
C LYS A 354 -20.88 -6.68 -27.64
N VAL A 355 -20.26 -7.66 -27.02
CA VAL A 355 -18.99 -7.47 -26.34
C VAL A 355 -17.94 -7.03 -27.37
N TYR A 356 -17.86 -7.79 -28.47
CA TYR A 356 -16.94 -7.49 -29.56
C TYR A 356 -17.03 -6.03 -30.05
N ASP A 357 -18.25 -5.54 -30.23
CA ASP A 357 -18.46 -4.15 -30.68
C ASP A 357 -17.99 -3.13 -29.65
N PHE A 358 -18.23 -3.43 -28.38
CA PHE A 358 -17.81 -2.53 -27.30
C PHE A 358 -16.31 -2.32 -27.33
N GLU A 359 -15.57 -3.40 -27.61
CA GLU A 359 -14.13 -3.31 -27.74
C GLU A 359 -13.74 -2.34 -28.85
N LEU A 360 -14.43 -2.43 -29.99
CA LEU A 360 -14.16 -1.55 -31.12
C LEU A 360 -14.55 -0.11 -30.80
N LEU A 361 -15.67 0.04 -30.10
CA LEU A 361 -16.14 1.36 -29.67
C LEU A 361 -15.19 2.00 -28.66
N ILE A 362 -14.81 1.24 -27.63
CA ILE A 362 -13.84 1.66 -26.63
C ILE A 362 -12.45 1.98 -27.20
N LYS A 363 -11.99 1.15 -28.15
CA LYS A 363 -10.68 1.33 -28.77
C LYS A 363 -10.64 2.55 -29.68
N GLY A 364 -11.81 3.04 -30.06
CA GLY A 364 -11.93 4.26 -30.86
C GLY A 364 -11.91 5.53 -30.04
N VAL A 365 -12.59 5.51 -28.90
CA VAL A 365 -12.70 6.69 -28.03
C VAL A 365 -11.40 6.96 -27.30
N TYR A 366 -10.86 5.93 -26.65
CA TYR A 366 -9.64 6.06 -25.87
C TYR A 366 -8.49 5.28 -26.49
N GLN A 367 -7.29 5.59 -26.03
CA GLN A 367 -6.11 4.79 -26.33
C GLN A 367 -5.93 3.77 -25.20
N VAL A 368 -6.58 2.62 -25.33
CA VAL A 368 -6.56 1.59 -24.28
C VAL A 368 -5.21 0.89 -24.20
N ASN A 369 -4.97 0.20 -23.09
CA ASN A 369 -3.75 -0.59 -22.92
C ASN A 369 -4.01 -2.08 -23.16
N PRO A 370 -3.46 -2.62 -24.26
CA PRO A 370 -3.79 -3.94 -24.79
C PRO A 370 -3.26 -5.11 -23.96
N THR A 371 -2.21 -4.86 -23.18
CA THR A 371 -1.63 -5.90 -22.33
C THR A 371 -2.57 -6.20 -21.17
N LYS A 372 -3.26 -5.16 -20.71
CA LYS A 372 -4.09 -5.24 -19.52
C LYS A 372 -5.54 -5.65 -19.86
N THR A 373 -5.82 -5.90 -21.13
CA THR A 373 -7.14 -6.34 -21.56
C THR A 373 -7.39 -7.79 -21.14
N ARG A 374 -8.47 -8.00 -20.40
CA ARG A 374 -8.85 -9.33 -19.96
C ARG A 374 -10.26 -9.64 -20.43
N THR A 375 -10.39 -10.64 -21.30
CA THR A 375 -11.68 -10.99 -21.91
C THR A 375 -11.74 -12.46 -22.35
N ASN A 376 -12.96 -13.00 -22.41
CA ASN A 376 -13.17 -14.35 -22.95
C ASN A 376 -13.80 -14.37 -24.35
N LEU A 377 -13.64 -13.27 -25.08
CA LEU A 377 -14.01 -13.23 -26.49
C LEU A 377 -13.20 -14.23 -27.31
N PRO A 378 -13.89 -15.06 -28.13
CA PRO A 378 -13.25 -16.05 -28.99
C PRO A 378 -12.22 -15.43 -29.94
N THR A 379 -12.26 -14.11 -30.09
CA THR A 379 -11.34 -13.38 -30.96
C THR A 379 -9.95 -13.26 -30.36
N HIS A 380 -9.84 -13.45 -29.04
CA HIS A 380 -8.58 -13.29 -28.35
C HIS A 380 -7.80 -14.58 -28.20
N ARG A 381 -6.47 -14.46 -28.28
CA ARG A 381 -5.55 -15.60 -28.29
C ARG A 381 -5.63 -16.43 -27.02
N HIS A 382 -5.53 -15.76 -25.87
CA HIS A 382 -5.53 -16.44 -24.57
C HIS A 382 -6.68 -15.91 -23.70
N PRO A 383 -7.91 -16.42 -23.92
CA PRO A 383 -9.12 -15.87 -23.34
C PRO A 383 -9.27 -16.17 -21.84
N GLN A 384 -9.62 -15.15 -21.08
CA GLN A 384 -9.75 -15.28 -19.62
C GLN A 384 -11.20 -15.47 -19.19
N ASP A 385 -11.41 -16.46 -18.33
CA ASP A 385 -12.73 -16.72 -17.76
C ASP A 385 -12.96 -15.84 -16.55
N GLU A 386 -11.91 -15.58 -15.79
CA GLU A 386 -11.98 -14.71 -14.63
C GLU A 386 -11.20 -13.44 -14.88
N ILE A 387 -11.84 -12.30 -14.62
CA ILE A 387 -11.21 -11.00 -14.86
C ILE A 387 -11.19 -10.14 -13.59
N PRO A 388 -10.07 -9.43 -13.36
CA PRO A 388 -9.92 -8.61 -12.17
C PRO A 388 -10.54 -7.23 -12.35
N TYR A 389 -11.29 -6.79 -11.33
CA TYR A 389 -11.99 -5.52 -11.37
C TYR A 389 -12.46 -5.14 -9.97
N CYS A 390 -12.04 -3.96 -9.50
CA CYS A 390 -12.50 -3.39 -8.22
C CYS A 390 -12.09 -4.20 -7.00
N GLY A 391 -10.90 -4.78 -7.05
CA GLY A 391 -10.40 -5.64 -5.97
C GLY A 391 -11.11 -6.97 -5.89
N LYS A 392 -12.01 -7.23 -6.84
CA LYS A 392 -12.69 -8.51 -6.91
C LYS A 392 -12.33 -9.25 -8.18
N ILE A 393 -12.37 -10.58 -8.13
CA ILE A 393 -12.19 -11.40 -9.32
C ILE A 393 -13.55 -11.90 -9.77
N PHE A 394 -13.99 -11.44 -10.93
CA PHE A 394 -15.25 -11.87 -11.51
C PHE A 394 -15.03 -13.05 -12.47
N ASN A 395 -15.68 -14.17 -12.19
CA ASN A 395 -15.69 -15.32 -13.11
C ASN A 395 -16.96 -15.28 -13.93
N LEU A 396 -16.81 -15.26 -15.26
CA LEU A 396 -17.93 -15.09 -16.17
C LEU A 396 -18.77 -16.35 -16.34
N THR A 397 -18.13 -17.50 -16.15
CA THR A 397 -18.79 -18.79 -16.34
C THR A 397 -19.55 -19.20 -15.08
N THR A 398 -18.86 -19.20 -13.95
CA THR A 398 -19.47 -19.62 -12.68
C THR A 398 -20.25 -18.49 -12.02
N ARG A 399 -19.94 -17.25 -12.41
CA ARG A 399 -20.57 -16.05 -11.84
C ARG A 399 -20.10 -15.74 -10.41
N GLN A 400 -19.11 -16.51 -9.94
CA GLN A 400 -18.57 -16.36 -8.58
C GLN A 400 -17.65 -15.16 -8.51
N VAL A 401 -17.66 -14.49 -7.37
CA VAL A 401 -16.79 -13.35 -7.13
C VAL A 401 -15.95 -13.59 -5.87
N ARG A 402 -14.64 -13.45 -6.03
CA ARG A 402 -13.68 -13.65 -4.94
C ARG A 402 -12.88 -12.37 -4.76
N THR A 403 -12.24 -12.20 -3.61
CA THR A 403 -11.37 -11.06 -3.39
C THR A 403 -10.05 -11.25 -4.12
N LEU A 404 -9.57 -10.18 -4.77
CA LEU A 404 -8.26 -10.19 -5.41
C LEU A 404 -7.19 -9.71 -4.44
N TYR A 405 -6.04 -10.39 -4.46
CA TYR A 405 -4.92 -10.04 -3.59
C TYR A 405 -3.67 -9.70 -4.38
N LYS A 406 -3.21 -8.46 -4.25
CA LYS A 406 -2.02 -8.00 -4.97
C LYS A 406 -0.72 -8.40 -4.26
N LEU A 407 -0.28 -9.63 -4.51
CA LEU A 407 0.90 -10.19 -3.87
C LEU A 407 1.87 -10.80 -4.89
N PRO A 408 2.87 -10.02 -5.32
CA PRO A 408 3.92 -10.45 -6.25
C PRO A 408 4.85 -11.51 -5.65
N PRO A 409 5.76 -12.08 -6.46
CA PRO A 409 6.72 -13.07 -5.94
C PRO A 409 7.64 -12.49 -4.87
N ASN A 410 7.84 -13.25 -3.80
CA ASN A 410 8.77 -12.89 -2.73
C ASN A 410 8.61 -11.47 -2.19
N TYR A 411 7.35 -11.04 -2.09
CA TYR A 411 7.00 -9.75 -1.52
C TYR A 411 6.93 -9.88 0.00
N GLU A 412 7.68 -9.05 0.71
CA GLU A 412 7.70 -9.08 2.17
C GLU A 412 6.35 -8.62 2.73
N ILE A 413 5.51 -9.60 3.05
CA ILE A 413 4.11 -9.39 3.45
C ILE A 413 3.92 -8.33 4.54
N ARG A 414 4.92 -8.17 5.40
CA ARG A 414 4.86 -7.19 6.50
C ARG A 414 4.63 -5.76 5.99
N HIS A 415 4.74 -5.56 4.68
CA HIS A 415 4.57 -4.25 4.07
C HIS A 415 3.12 -3.84 3.92
N LYS A 416 2.20 -4.81 4.02
CA LYS A 416 0.77 -4.52 3.89
C LYS A 416 0.21 -3.83 5.12
N PHE A 417 0.82 -4.09 6.27
CA PHE A 417 0.27 -3.63 7.55
C PHE A 417 1.10 -2.52 8.18
N LYS A 418 0.41 -1.44 8.57
CA LYS A 418 1.06 -0.31 9.23
C LYS A 418 0.89 -0.48 10.74
N LEU A 419 1.97 -0.88 11.41
CA LEU A 419 1.92 -1.26 12.81
C LEU A 419 2.22 -0.11 13.75
N TRP A 420 2.85 0.93 13.23
CA TRP A 420 3.37 2.02 14.05
C TRP A 420 2.72 3.36 13.72
N ASN A 421 2.08 3.97 14.72
CA ASN A 421 1.46 5.28 14.58
C ASN A 421 2.20 6.34 15.39
N PHE A 422 2.97 7.17 14.69
CA PHE A 422 3.84 8.15 15.33
C PHE A 422 3.07 9.25 16.08
N ASN A 423 1.84 9.53 15.64
CA ASN A 423 0.97 10.46 16.35
C ASN A 423 0.35 9.83 17.60
N ASN A 424 0.25 8.50 17.60
CA ASN A 424 -0.40 7.77 18.69
C ASN A 424 0.50 6.65 19.19
N GLN A 425 1.49 7.02 20.00
CA GLN A 425 2.57 6.12 20.38
C GLN A 425 2.18 5.19 21.53
N ILE A 426 2.71 3.97 21.50
CA ILE A 426 2.53 2.98 22.55
C ILE A 426 3.89 2.58 23.11
N SER A 427 4.08 2.74 24.42
CA SER A 427 5.38 2.51 25.06
C SER A 427 5.76 1.03 25.17
N ASP A 428 7.06 0.78 25.30
CA ASP A 428 7.61 -0.58 25.23
C ASP A 428 7.14 -1.53 26.35
N ASP A 429 6.46 -0.98 27.35
CA ASP A 429 5.97 -1.79 28.47
C ASP A 429 4.53 -2.27 28.29
N ASN A 430 3.91 -1.89 27.16
CA ASN A 430 2.53 -2.27 26.89
C ASN A 430 2.35 -2.90 25.50
N PRO A 431 2.83 -4.15 25.33
CA PRO A 431 2.65 -4.87 24.08
C PRO A 431 1.19 -5.27 23.85
N ALA A 432 0.44 -5.46 24.93
CA ALA A 432 -0.97 -5.80 24.85
C ALA A 432 -1.77 -4.77 24.06
N ARG A 433 -1.57 -3.49 24.39
CA ARG A 433 -2.18 -2.38 23.66
C ARG A 433 -1.83 -2.46 22.16
N PHE A 434 -0.54 -2.60 21.89
CA PHE A 434 -0.01 -2.68 20.53
C PHE A 434 -0.68 -3.79 19.73
N LEU A 435 -0.81 -4.96 20.33
CA LEU A 435 -1.37 -6.13 19.65
C LEU A 435 -2.87 -5.97 19.32
N GLN A 436 -3.61 -5.27 20.18
CA GLN A 436 -5.05 -5.05 19.94
C GLN A 436 -5.29 -3.98 18.87
N LYS A 437 -4.52 -2.89 18.94
CA LYS A 437 -4.53 -1.84 17.92
C LYS A 437 -4.24 -2.43 16.53
N ALA A 438 -3.41 -3.46 16.50
CA ALA A 438 -3.08 -4.16 15.26
C ALA A 438 -4.20 -5.11 14.82
N MET A 439 -4.85 -5.76 15.77
CA MET A 439 -5.93 -6.68 15.46
C MET A 439 -7.28 -5.98 15.27
N ASP A 440 -7.25 -4.65 15.24
CA ASP A 440 -8.44 -3.82 15.00
C ASP A 440 -9.08 -4.20 13.65
N PHE A 441 -10.38 -4.47 13.67
CA PHE A 441 -11.10 -5.00 12.51
C PHE A 441 -11.07 -4.14 11.21
N PRO A 442 -11.01 -2.80 11.34
CA PRO A 442 -11.01 -1.93 10.14
C PRO A 442 -10.02 -2.28 9.01
N PHE A 443 -8.89 -2.91 9.30
CA PHE A 443 -7.87 -3.15 8.27
C PHE A 443 -8.31 -4.19 7.24
N ILE A 444 -9.33 -4.97 7.57
CA ILE A 444 -9.75 -6.11 6.77
C ILE A 444 -11.23 -6.04 6.39
N CYS A 445 -11.86 -4.90 6.69
CA CYS A 445 -13.28 -4.72 6.40
C CYS A 445 -13.57 -4.73 4.90
N ASN A 446 -12.62 -4.23 4.11
CA ASN A 446 -12.72 -4.21 2.64
C ASN A 446 -12.81 -5.62 2.04
N SER A 447 -12.42 -6.63 2.82
CA SER A 447 -12.52 -8.01 2.41
C SER A 447 -13.75 -8.68 3.05
N PHE A 448 -14.50 -7.89 3.82
CA PHE A 448 -15.65 -8.39 4.58
C PHE A 448 -16.96 -7.75 4.10
N THR A 449 -17.20 -7.80 2.80
CA THR A 449 -18.32 -7.09 2.19
C THR A 449 -19.41 -8.04 1.69
N LYS A 450 -20.47 -7.45 1.14
CA LYS A 450 -21.57 -8.20 0.57
C LYS A 450 -21.14 -9.01 -0.64
N PHE A 451 -20.10 -8.53 -1.32
CA PHE A 451 -19.56 -9.20 -2.51
C PHE A 451 -19.00 -10.58 -2.23
N GLU A 452 -18.60 -10.83 -0.99
CA GLU A 452 -18.03 -12.11 -0.60
C GLU A 452 -19.02 -12.98 0.16
N PHE A 453 -19.93 -12.34 0.88
CA PHE A 453 -20.76 -13.04 1.88
C PHE A 453 -22.19 -13.33 1.44
N ASN A 454 -22.61 -12.69 0.34
CA ASN A 454 -23.92 -12.95 -0.23
C ASN A 454 -24.07 -14.41 -0.63
N THR A 455 -25.31 -14.90 -0.63
CA THR A 455 -25.64 -16.18 -1.23
C THR A 455 -26.68 -15.97 -2.34
N VAL A 456 -26.62 -14.78 -2.96
CA VAL A 456 -27.48 -14.45 -4.08
C VAL A 456 -26.90 -15.05 -5.37
N PHE A 457 -25.67 -14.70 -5.70
CA PHE A 457 -24.97 -15.26 -6.86
C PHE A 457 -23.75 -16.09 -6.47
N ASN A 458 -23.21 -15.84 -5.28
CA ASN A 458 -22.16 -16.67 -4.72
C ASN A 458 -22.71 -17.97 -4.15
N ASP A 459 -22.08 -19.09 -4.50
CA ASP A 459 -22.32 -20.35 -3.84
C ASP A 459 -21.93 -20.25 -2.36
N GLN A 460 -22.33 -21.24 -1.57
CA GLN A 460 -21.99 -21.27 -0.16
C GLN A 460 -20.51 -21.55 0.04
N ARG A 461 -19.94 -22.41 -0.81
CA ARG A 461 -18.52 -22.75 -0.72
C ARG A 461 -17.64 -21.55 -1.07
N THR A 462 -18.12 -20.69 -1.96
CA THR A 462 -17.44 -19.45 -2.30
C THR A 462 -17.34 -18.52 -1.08
N VAL A 463 -18.43 -18.46 -0.32
CA VAL A 463 -18.45 -17.65 0.91
C VAL A 463 -17.36 -18.07 1.89
N PHE A 464 -17.29 -19.38 2.18
CA PHE A 464 -16.29 -19.91 3.12
C PHE A 464 -14.88 -19.66 2.62
N ALA A 465 -14.64 -19.92 1.33
CA ALA A 465 -13.35 -19.66 0.71
C ALA A 465 -12.94 -18.19 0.89
N ASN A 466 -13.90 -17.28 0.74
CA ASN A 466 -13.63 -15.85 0.92
C ASN A 466 -13.26 -15.50 2.36
N PHE A 467 -14.02 -16.04 3.31
CA PHE A 467 -13.77 -15.83 4.73
C PHE A 467 -12.42 -16.39 5.16
N TYR A 468 -12.11 -17.60 4.70
CA TYR A 468 -10.82 -18.23 4.92
C TYR A 468 -9.68 -17.37 4.37
N ASP A 469 -9.80 -16.94 3.11
CA ASP A 469 -8.81 -16.06 2.49
C ASP A 469 -8.60 -14.78 3.31
N ALA A 470 -9.70 -14.18 3.77
CA ALA A 470 -9.62 -13.02 4.65
C ALA A 470 -8.80 -13.35 5.88
N MET A 471 -9.18 -14.44 6.55
CA MET A 471 -8.58 -14.81 7.84
C MET A 471 -7.10 -15.15 7.71
N ILE A 472 -6.69 -15.51 6.49
CA ILE A 472 -5.27 -15.75 6.19
C ILE A 472 -4.46 -14.46 6.29
N CYS A 473 -5.02 -13.37 5.80
CA CYS A 473 -4.39 -12.05 5.95
C CYS A 473 -4.35 -11.58 7.40
N VAL A 474 -5.37 -11.94 8.18
CA VAL A 474 -5.38 -11.59 9.59
C VAL A 474 -4.20 -12.26 10.31
N ALA A 475 -4.01 -13.54 10.04
CA ALA A 475 -2.92 -14.30 10.65
C ALA A 475 -1.55 -13.73 10.29
N TYR A 476 -1.42 -13.25 9.06
CA TYR A 476 -0.17 -12.65 8.60
C TYR A 476 0.14 -11.33 9.32
N LYS A 477 -0.90 -10.54 9.58
CA LYS A 477 -0.72 -9.33 10.38
C LYS A 477 -0.37 -9.69 11.82
N PHE A 478 -1.08 -10.69 12.35
CA PHE A 478 -0.80 -11.20 13.68
C PHE A 478 0.67 -11.61 13.81
N ASP A 479 1.15 -12.38 12.83
CA ASP A 479 2.57 -12.74 12.74
C ASP A 479 3.47 -11.51 12.63
N ALA A 480 3.08 -10.57 11.78
CA ALA A 480 3.86 -9.36 11.57
C ALA A 480 4.01 -8.55 12.85
N ALA A 481 2.98 -8.60 13.69
CA ALA A 481 2.96 -7.87 14.96
C ALA A 481 3.86 -8.55 15.99
N MET A 482 3.83 -9.88 16.01
CA MET A 482 4.61 -10.66 16.96
C MET A 482 6.11 -10.46 16.76
N MET A 483 6.54 -10.46 15.50
CA MET A 483 7.94 -10.19 15.18
C MET A 483 8.35 -8.79 15.67
N ALA A 484 7.38 -7.88 15.71
CA ALA A 484 7.62 -6.53 16.23
C ALA A 484 7.60 -6.51 17.76
N LEU A 485 6.96 -7.50 18.36
CA LEU A 485 6.94 -7.64 19.82
C LEU A 485 8.23 -8.25 20.34
N ARG A 486 8.77 -9.22 19.60
CA ARG A 486 9.98 -9.92 19.98
C ARG A 486 11.21 -9.02 19.99
N THR A 487 11.26 -8.06 19.06
CA THR A 487 12.45 -7.26 18.85
C THR A 487 12.27 -5.77 19.15
N SER A 488 11.23 -5.42 19.89
CA SER A 488 11.01 -4.02 20.26
C SER A 488 10.41 -3.87 21.66
N PHE A 489 9.38 -4.64 21.95
CA PHE A 489 8.76 -4.63 23.27
C PHE A 489 9.46 -5.61 24.22
N LEU A 490 10.11 -6.62 23.64
CA LEU A 490 10.81 -7.67 24.40
C LEU A 490 9.93 -8.24 25.52
N VAL A 491 8.85 -8.92 25.12
CA VAL A 491 7.72 -9.25 26.00
C VAL A 491 8.09 -10.16 27.17
N ASN A 492 7.44 -9.92 28.31
CA ASN A 492 7.56 -10.77 29.49
C ASN A 492 6.87 -12.11 29.26
N ASP A 493 5.73 -12.30 29.92
CA ASP A 493 4.85 -13.43 29.66
C ASP A 493 3.98 -13.15 28.43
N PHE A 494 3.70 -14.18 27.66
CA PHE A 494 2.86 -14.05 26.48
C PHE A 494 1.42 -14.46 26.80
N GLY A 495 0.95 -14.06 27.97
CA GLY A 495 -0.36 -14.45 28.47
C GLY A 495 -1.52 -13.82 27.71
N PHE A 496 -1.37 -12.53 27.40
CA PHE A 496 -2.39 -11.77 26.67
C PHE A 496 -2.59 -12.28 25.24
N ILE A 497 -1.53 -12.87 24.67
CA ILE A 497 -1.56 -13.33 23.29
C ILE A 497 -2.75 -14.25 23.04
N TRP A 498 -2.96 -15.19 23.94
CA TRP A 498 -4.07 -16.13 23.82
C TRP A 498 -5.43 -15.42 23.89
N LEU A 499 -5.56 -14.46 24.80
CA LEU A 499 -6.82 -13.73 24.99
C LEU A 499 -7.20 -12.88 23.77
N VAL A 500 -6.21 -12.19 23.20
CA VAL A 500 -6.43 -11.38 22.00
C VAL A 500 -6.78 -12.26 20.81
N LEU A 501 -6.02 -13.34 20.63
CA LEU A 501 -6.24 -14.29 19.55
C LEU A 501 -7.64 -14.90 19.58
N SER A 502 -8.06 -15.34 20.76
CA SER A 502 -9.39 -15.91 20.94
C SER A 502 -10.48 -14.90 20.63
N SER A 503 -10.28 -13.67 21.11
CA SER A 503 -11.20 -12.57 20.81
C SER A 503 -11.24 -12.30 19.31
N THR A 504 -10.06 -12.29 18.67
CA THR A 504 -9.95 -12.03 17.24
C THR A 504 -10.67 -13.09 16.39
N VAL A 505 -10.46 -14.36 16.73
CA VAL A 505 -11.13 -15.46 16.03
C VAL A 505 -12.64 -15.36 16.19
N ARG A 506 -13.06 -15.17 17.44
CA ARG A 506 -14.47 -15.17 17.83
C ARG A 506 -15.22 -13.93 17.32
N ALA A 507 -14.49 -12.81 17.18
CA ALA A 507 -15.10 -11.55 16.75
C ALA A 507 -15.38 -11.53 15.25
N TYR A 508 -14.39 -11.97 14.48
CA TYR A 508 -14.46 -11.94 13.01
C TYR A 508 -15.44 -12.96 12.47
N ALA A 509 -15.56 -14.09 13.14
CA ALA A 509 -16.51 -15.13 12.76
C ALA A 509 -17.93 -14.63 12.96
N SER A 510 -18.13 -13.86 14.03
CA SER A 510 -19.41 -13.24 14.31
C SER A 510 -19.72 -12.11 13.32
N ARG A 511 -18.68 -11.45 12.83
CA ARG A 511 -18.84 -10.43 11.80
C ARG A 511 -19.20 -11.04 10.45
N ALA A 512 -18.49 -12.11 10.09
CA ALA A 512 -18.82 -12.90 8.90
C ALA A 512 -20.25 -13.44 8.98
N PHE A 513 -20.56 -14.13 10.08
CA PHE A 513 -21.87 -14.73 10.29
C PHE A 513 -23.00 -13.72 10.12
N LYS A 514 -22.78 -12.51 10.64
CA LYS A 514 -23.76 -11.42 10.53
C LYS A 514 -23.95 -10.98 9.08
N LYS A 515 -22.83 -10.83 8.36
CA LYS A 515 -22.85 -10.45 6.95
C LYS A 515 -23.55 -11.49 6.09
N ILE A 516 -23.33 -12.76 6.40
CA ILE A 516 -23.91 -13.88 5.67
C ILE A 516 -25.44 -13.89 5.77
N VAL A 517 -25.95 -13.76 7.01
CA VAL A 517 -27.40 -13.78 7.25
C VAL A 517 -28.07 -12.56 6.62
N THR A 518 -27.40 -11.42 6.67
CA THR A 518 -27.91 -10.20 6.05
C THR A 518 -28.08 -10.37 4.54
N TYR A 519 -26.98 -10.69 3.85
CA TYR A 519 -26.99 -10.80 2.39
C TYR A 519 -27.31 -12.22 1.91
N LYS A 520 -28.18 -12.87 2.67
CA LYS A 520 -28.67 -14.22 2.39
C LYS A 520 -29.41 -14.27 1.05
N GLY A 521 -29.30 -15.39 0.36
CA GLY A 521 -29.96 -15.56 -0.94
C GLY A 521 -30.51 -16.96 -1.18
N GLY A 522 -30.92 -17.23 -2.42
CA GLY A 522 -31.48 -18.52 -2.80
C GLY A 522 -30.48 -19.67 -2.77
N LYS A 523 -29.19 -19.35 -2.87
CA LYS A 523 -28.14 -20.36 -2.87
C LYS A 523 -27.68 -20.74 -1.46
N TYR A 524 -28.33 -20.17 -0.44
CA TYR A 524 -28.06 -20.51 0.96
C TYR A 524 -28.69 -21.85 1.32
N ARG A 525 -27.89 -22.72 1.94
CA ARG A 525 -28.40 -23.98 2.49
C ARG A 525 -28.41 -23.95 4.02
N LYS A 526 -27.21 -23.83 4.61
CA LYS A 526 -27.05 -23.69 6.06
C LYS A 526 -25.60 -23.38 6.43
N VAL A 527 -25.41 -22.27 7.15
CA VAL A 527 -24.11 -21.90 7.71
C VAL A 527 -24.24 -21.80 9.23
N THR A 528 -23.20 -22.23 9.95
CA THR A 528 -23.22 -22.20 11.42
C THR A 528 -22.00 -21.48 12.00
N PHE A 529 -22.19 -20.84 13.15
CA PHE A 529 -21.11 -20.16 13.85
C PHE A 529 -19.97 -21.11 14.18
N GLN A 530 -20.31 -22.37 14.44
CA GLN A 530 -19.35 -23.43 14.71
C GLN A 530 -18.45 -23.68 13.51
N CYS A 531 -19.05 -23.67 12.32
CA CYS A 531 -18.33 -23.96 11.08
C CYS A 531 -17.34 -22.85 10.74
N LEU A 532 -17.75 -21.61 11.02
CA LEU A 532 -16.96 -20.43 10.67
C LEU A 532 -15.81 -20.25 11.64
N LYS A 533 -16.05 -20.55 12.91
CA LYS A 533 -15.01 -20.49 13.92
C LYS A 533 -13.91 -21.51 13.58
N SER A 534 -14.32 -22.71 13.19
CA SER A 534 -13.41 -23.76 12.71
C SER A 534 -12.51 -23.26 11.58
N ILE A 535 -13.13 -22.72 10.54
CA ILE A 535 -12.42 -22.13 9.41
C ILE A 535 -11.45 -21.03 9.87
N ALA A 536 -11.91 -20.19 10.80
CA ALA A 536 -11.11 -19.10 11.32
C ALA A 536 -9.85 -19.62 12.01
N TRP A 537 -10.01 -20.64 12.86
CA TRP A 537 -8.89 -21.25 13.55
C TRP A 537 -7.88 -21.89 12.59
N ARG A 538 -8.38 -22.63 11.60
CA ARG A 538 -7.50 -23.28 10.63
C ARG A 538 -6.72 -22.29 9.77
N ALA A 539 -7.33 -21.15 9.47
CA ALA A 539 -6.64 -20.06 8.78
C ALA A 539 -5.42 -19.59 9.58
N PHE A 540 -5.56 -19.49 10.90
CA PHE A 540 -4.42 -19.18 11.77
C PHE A 540 -3.39 -20.31 11.82
N LEU A 541 -3.85 -21.56 11.84
CA LEU A 541 -2.95 -22.72 11.82
C LEU A 541 -1.98 -22.72 10.64
N ALA A 542 -2.53 -22.52 9.43
CA ALA A 542 -1.74 -22.56 8.20
C ALA A 542 -0.60 -21.53 8.17
N VAL A 543 -0.88 -20.32 8.67
CA VAL A 543 0.14 -19.27 8.73
C VAL A 543 1.13 -19.50 9.88
N LEU A 544 0.62 -19.95 11.02
CA LEU A 544 1.45 -20.25 12.19
C LEU A 544 2.46 -21.36 11.91
N LYS A 545 2.07 -22.31 11.07
CA LYS A 545 2.92 -23.47 10.75
C LYS A 545 4.11 -23.09 9.86
N ARG A 546 4.17 -21.83 9.45
CA ARG A 546 5.31 -21.32 8.70
C ARG A 546 6.48 -20.95 9.62
N ARG A 547 6.22 -20.94 10.92
CA ARG A 547 7.25 -20.68 11.94
C ARG A 547 7.16 -21.67 13.09
N THR A 548 7.06 -22.96 12.77
CA THR A 548 6.88 -24.01 13.80
C THR A 548 7.85 -23.87 14.97
N GLU A 549 9.09 -23.45 14.68
CA GLU A 549 10.13 -23.32 15.70
C GLU A 549 9.96 -22.10 16.61
N ILE A 550 8.81 -21.42 16.52
CA ILE A 550 8.50 -20.28 17.39
C ILE A 550 7.08 -20.38 17.96
N TYR A 551 6.15 -20.84 17.13
CA TYR A 551 4.74 -20.95 17.53
C TYR A 551 4.36 -22.37 17.91
N LYS A 552 5.35 -23.21 18.19
CA LYS A 552 5.13 -24.60 18.57
C LYS A 552 4.12 -24.70 19.71
N GLY A 553 4.31 -23.86 20.73
CA GLY A 553 3.41 -23.83 21.89
C GLY A 553 2.02 -23.34 21.56
N LEU A 554 1.92 -22.36 20.65
CA LEU A 554 0.64 -21.76 20.28
C LEU A 554 -0.20 -22.71 19.43
N ILE A 555 0.42 -23.31 18.42
CA ILE A 555 -0.23 -24.32 17.58
C ILE A 555 -0.73 -25.48 18.44
N ASP A 556 0.15 -26.01 19.27
CA ASP A 556 -0.20 -27.07 20.23
C ASP A 556 -1.42 -26.72 21.09
N ARG A 557 -1.51 -25.44 21.47
CA ARG A 557 -2.61 -24.95 22.28
C ARG A 557 -3.94 -24.98 21.51
N ILE A 558 -3.92 -24.42 20.29
CA ILE A 558 -5.09 -24.39 19.42
C ILE A 558 -5.64 -25.79 19.15
N LYS A 559 -4.75 -26.70 18.76
CA LYS A 559 -5.10 -28.07 18.39
C LYS A 559 -5.74 -28.87 19.52
N SER A 560 -5.32 -28.59 20.75
CA SER A 560 -5.80 -29.31 21.93
C SER A 560 -7.03 -28.69 22.55
N ARG A 561 -7.20 -27.38 22.34
CA ARG A 561 -8.27 -26.63 23.01
C ARG A 561 -9.48 -26.32 22.13
N GLU A 562 -9.24 -26.13 20.83
CA GLU A 562 -10.32 -25.73 19.90
C GLU A 562 -10.84 -26.88 19.06
N LYS A 563 -12.07 -26.73 18.58
CA LYS A 563 -12.70 -27.73 17.70
C LYS A 563 -12.39 -27.43 16.24
N LEU A 564 -11.95 -28.46 15.52
CA LEU A 564 -11.36 -28.26 14.19
C LEU A 564 -11.90 -29.19 13.11
N THR A 565 -12.90 -30.01 13.44
CA THR A 565 -13.53 -30.89 12.45
C THR A 565 -14.14 -30.06 11.33
N MET A 566 -13.77 -30.38 10.09
CA MET A 566 -14.17 -29.58 8.93
C MET A 566 -15.49 -30.08 8.36
N LYS A 567 -16.57 -29.66 8.99
CA LYS A 567 -17.92 -30.16 8.68
C LYS A 567 -18.79 -29.08 8.06
N PHE A 568 -19.21 -29.33 6.81
CA PHE A 568 -20.09 -28.42 6.10
C PHE A 568 -21.40 -29.12 5.76
N HIS A 569 -22.52 -28.41 5.99
CA HIS A 569 -23.83 -28.92 5.61
C HIS A 569 -24.04 -28.89 4.10
N ASP A 570 -22.97 -28.60 3.35
CA ASP A 570 -22.95 -28.65 1.89
C ASP A 570 -22.08 -29.80 1.40
N GLY A 571 -22.41 -30.34 0.24
CA GLY A 571 -21.68 -31.49 -0.32
C GLY A 571 -20.67 -31.12 -1.39
N GLU A 572 -20.89 -29.97 -2.04
CA GLU A 572 -20.04 -29.53 -3.15
C GLU A 572 -18.77 -28.83 -2.67
N VAL A 573 -18.61 -28.73 -1.35
CA VAL A 573 -17.49 -28.02 -0.76
C VAL A 573 -16.33 -28.96 -0.42
N ASP A 574 -15.16 -28.65 -0.99
CA ASP A 574 -13.96 -29.44 -0.76
C ASP A 574 -13.25 -28.93 0.49
N ALA A 575 -13.20 -29.80 1.51
CA ALA A 575 -12.65 -29.42 2.82
C ALA A 575 -11.12 -29.31 2.86
N SER A 576 -10.45 -29.79 1.81
CA SER A 576 -8.99 -29.82 1.79
C SER A 576 -8.37 -28.45 1.58
N TYR A 577 -9.12 -27.55 0.96
CA TYR A 577 -8.69 -26.17 0.73
C TYR A 577 -8.55 -25.39 2.04
N PHE A 578 -9.26 -25.86 3.07
CA PHE A 578 -9.33 -25.17 4.35
C PHE A 578 -8.24 -25.62 5.35
N CYS A 579 -7.53 -26.69 5.01
CA CYS A 579 -6.53 -27.25 5.90
C CYS A 579 -5.11 -27.06 5.34
N LYS A 580 -4.98 -26.08 4.46
CA LYS A 580 -3.70 -25.76 3.83
C LYS A 580 -3.61 -24.28 3.51
N LEU A 581 -2.39 -23.77 3.44
CA LEU A 581 -2.16 -22.39 3.03
C LEU A 581 -2.50 -22.25 1.55
N PRO A 582 -3.46 -21.38 1.20
CA PRO A 582 -3.79 -21.08 -0.20
C PRO A 582 -2.55 -20.63 -0.98
N GLU A 583 -2.50 -20.99 -2.26
CA GLU A 583 -1.24 -20.94 -3.02
C GLU A 583 -0.69 -19.54 -3.31
N LYS A 584 -1.57 -18.57 -3.54
CA LYS A 584 -1.16 -17.17 -3.68
C LYS A 584 -0.56 -16.59 -2.38
N PHE A 585 -0.56 -17.40 -1.32
CA PHE A 585 -0.06 -16.97 -0.02
C PHE A 585 1.22 -17.70 0.39
N ARG A 586 1.66 -18.65 -0.42
CA ARG A 586 2.84 -19.43 -0.09
C ARG A 586 4.15 -18.69 -0.31
N PHE A 587 4.21 -17.92 -1.39
CA PHE A 587 5.49 -17.35 -1.85
C PHE A 587 5.77 -15.93 -1.35
N VAL A 588 5.10 -15.54 -0.26
CA VAL A 588 5.38 -14.27 0.41
C VAL A 588 6.46 -14.44 1.47
N LYS A 589 7.30 -13.42 1.63
CA LYS A 589 8.43 -13.48 2.56
C LYS A 589 7.99 -13.22 3.99
N ILE A 590 8.46 -14.08 4.90
CA ILE A 590 8.24 -13.87 6.32
C ILE A 590 9.55 -13.49 7.02
N ASN A 591 10.67 -13.71 6.33
CA ASN A 591 12.00 -13.40 6.87
C ASN A 591 12.48 -12.01 6.49
N ARG A 592 13.26 -11.40 7.37
CA ARG A 592 13.80 -10.07 7.16
C ARG A 592 15.32 -10.12 7.14
N LYS A 593 15.93 -9.70 6.03
CA LYS A 593 17.39 -9.67 5.90
C LYS A 593 17.82 -8.62 4.89
N ALA A 594 18.60 -7.65 5.35
CA ALA A 594 19.04 -6.52 4.53
C ALA A 594 19.42 -6.95 3.12
N SER A 595 18.47 -6.78 2.19
CA SER A 595 18.68 -7.16 0.80
C SER A 595 19.74 -6.28 0.15
N ILE A 596 19.56 -4.97 0.26
CA ILE A 596 20.47 -4.00 -0.34
C ILE A 596 20.87 -2.91 0.67
MG MG C . -6.65 0.63 -13.88
#